data_4GWG
#
_entry.id   4GWG
#
_cell.length_a   87.280
_cell.length_b   87.280
_cell.length_c   130.892
_cell.angle_alpha   90.00
_cell.angle_beta   90.00
_cell.angle_gamma   90.00
#
_symmetry.space_group_name_H-M   'P 43 21 2'
#
loop_
_entity.id
_entity.type
_entity.pdbx_description
1 polymer '6-phosphogluconate dehydrogenase, decarboxylating'
2 non-polymer '2-(N-MORPHOLINO)-ETHANESULFONIC ACID'
3 water water
#
_entity_poly.entity_id   1
_entity_poly.type   'polypeptide(L)'
_entity_poly.pdbx_seq_one_letter_code
;SNAQADIALIGLAVMGQNLILNMNDHGFVVCAFNRTVSKVDDFLANEAKGTKVVGAQSLKEMVSKLKKPRRIILLVKAGQ
AVDDFIEKLVPLLDTGDIIIDGGNSEYRDTTRRCRDLKAKGILFVGSGVSGGEEGARYGPSLMPGGNKEAWPHIKTIFQG
IAAKVGTGEPCCDWVGDEGAGHFVKMVHNGIEYGDMQLICEAYHLMKDVLGMAQDEMAQAFEDWNKTELDSFLIEITANI
LKFQDTDGKHLLPKIRDSAGQKGTGKWTAISALEYGVPVTLIGEAVFARCLSSLKDERIQASKKLKGPQKFQFDGDKKSF
LEDIRKALYASKIISYAQGFMLLRQAATEFGWTLNYGGIALMWRGGCIIRSVFLGKIKDAFDRNPELQNLLLDDFFKSAV
ENCQDSWRRAVSTGVQAGIPMPCFTTALSFYDGYRHEMLPASLIQAQRDYFGAHTYELLAKPGQFIHTNWTGHGGTVSSS
SYNA
;
_entity_poly.pdbx_strand_id   A
#
# COMPACT_ATOMS: atom_id res chain seq x y z
N ALA A 3 -13.41 8.70 -35.98
CA ALA A 3 -13.14 8.49 -34.56
C ALA A 3 -14.25 7.67 -33.90
N GLN A 4 -13.99 6.39 -33.70
CA GLN A 4 -14.98 5.48 -33.14
C GLN A 4 -14.53 4.84 -31.82
N ALA A 5 -13.24 4.88 -31.53
CA ALA A 5 -12.75 4.27 -30.30
C ALA A 5 -12.89 5.23 -29.13
N ASP A 6 -13.32 4.71 -27.98
CA ASP A 6 -13.48 5.51 -26.78
C ASP A 6 -12.15 5.81 -26.09
N ILE A 7 -11.19 4.90 -26.24
CA ILE A 7 -9.95 4.98 -25.49
C ILE A 7 -8.96 4.05 -26.15
N ALA A 8 -7.67 4.33 -25.95
CA ALA A 8 -6.61 3.47 -26.46
C ALA A 8 -5.77 2.97 -25.31
N LEU A 9 -5.15 1.81 -25.49
CA LEU A 9 -4.16 1.35 -24.54
C LEU A 9 -2.92 0.84 -25.28
N ILE A 10 -1.76 1.32 -24.86
CA ILE A 10 -0.47 0.93 -25.43
C ILE A 10 0.24 0.01 -24.45
N GLY A 11 0.62 -1.17 -24.91
CA GLY A 11 1.38 -2.11 -24.09
C GLY A 11 0.58 -3.38 -23.89
N LEU A 12 0.82 -4.37 -24.75
CA LEU A 12 0.00 -5.57 -24.76
C LEU A 12 0.62 -6.77 -24.04
N ALA A 13 1.29 -6.51 -22.94
CA ALA A 13 1.61 -7.58 -21.99
C ALA A 13 0.28 -7.97 -21.34
N VAL A 14 0.32 -8.91 -20.41
CA VAL A 14 -0.93 -9.46 -19.88
C VAL A 14 -1.78 -8.40 -19.16
N MET A 15 -1.14 -7.55 -18.37
N MET A 15 -1.14 -7.56 -18.36
CA MET A 15 -1.86 -6.50 -17.65
CA MET A 15 -1.86 -6.50 -17.65
C MET A 15 -2.65 -5.60 -18.60
C MET A 15 -2.66 -5.64 -18.64
N GLY A 16 -2.00 -5.15 -19.68
CA GLY A 16 -2.66 -4.32 -20.67
C GLY A 16 -3.79 -5.03 -21.42
N GLN A 17 -3.51 -6.26 -21.85
CA GLN A 17 -4.55 -7.05 -22.51
C GLN A 17 -5.77 -7.20 -21.62
N ASN A 18 -5.54 -7.51 -20.35
CA ASN A 18 -6.65 -7.72 -19.43
C ASN A 18 -7.46 -6.45 -19.15
N LEU A 19 -6.78 -5.32 -19.01
CA LEU A 19 -7.47 -4.05 -18.83
CA LEU A 19 -7.48 -4.06 -18.82
C LEU A 19 -8.30 -3.72 -20.07
N ILE A 20 -7.74 -3.98 -21.25
CA ILE A 20 -8.50 -3.78 -22.48
C ILE A 20 -9.77 -4.63 -22.51
N LEU A 21 -9.64 -5.91 -22.19
CA LEU A 21 -10.81 -6.79 -22.18
C LEU A 21 -11.85 -6.36 -21.14
N ASN A 22 -11.38 -5.88 -19.99
CA ASN A 22 -12.26 -5.34 -18.96
C ASN A 22 -13.05 -4.15 -19.52
N MET A 23 -12.35 -3.21 -20.13
CA MET A 23 -13.03 -2.06 -20.73
C MET A 23 -14.03 -2.49 -21.80
N ASN A 24 -13.62 -3.47 -22.62
CA ASN A 24 -14.52 -4.04 -23.62
C ASN A 24 -15.79 -4.63 -23.01
N ASP A 25 -15.64 -5.40 -21.93
CA ASP A 25 -16.79 -5.98 -21.22
C ASP A 25 -17.78 -4.91 -20.84
N HIS A 26 -17.26 -3.75 -20.44
CA HIS A 26 -18.10 -2.64 -20.00
C HIS A 26 -18.63 -1.76 -21.12
N GLY A 27 -18.46 -2.22 -22.35
CA GLY A 27 -19.11 -1.58 -23.48
C GLY A 27 -18.31 -0.50 -24.17
N PHE A 28 -17.05 -0.34 -23.79
CA PHE A 28 -16.21 0.66 -24.41
C PHE A 28 -15.44 0.08 -25.59
N VAL A 29 -15.29 0.87 -26.63
CA VAL A 29 -14.50 0.47 -27.80
C VAL A 29 -13.05 0.90 -27.56
N VAL A 30 -12.16 -0.08 -27.51
CA VAL A 30 -10.77 0.18 -27.17
C VAL A 30 -9.89 -0.03 -28.39
N CYS A 31 -8.99 0.91 -28.64
CA CYS A 31 -7.97 0.71 -29.67
C CYS A 31 -6.69 0.20 -29.00
N ALA A 32 -6.26 -0.99 -29.39
CA ALA A 32 -5.05 -1.61 -28.86
C ALA A 32 -3.82 -1.25 -29.69
N PHE A 33 -2.70 -0.98 -29.04
CA PHE A 33 -1.44 -0.73 -29.74
C PHE A 33 -0.27 -1.32 -28.96
N ASN A 34 0.81 -1.62 -29.65
CA ASN A 34 2.01 -2.15 -29.02
C ASN A 34 3.19 -1.77 -29.89
N ARG A 35 4.33 -1.49 -29.28
CA ARG A 35 5.47 -1.02 -30.05
C ARG A 35 5.89 -2.04 -31.10
N THR A 36 5.86 -3.31 -30.73
CA THR A 36 5.97 -4.38 -31.72
C THR A 36 4.56 -4.65 -32.22
N VAL A 37 4.27 -4.17 -33.41
CA VAL A 37 2.89 -4.08 -33.87
C VAL A 37 2.25 -5.43 -34.18
N SER A 38 3.08 -6.44 -34.46
CA SER A 38 2.56 -7.78 -34.71
C SER A 38 1.77 -8.30 -33.51
N LYS A 39 2.08 -7.79 -32.32
CA LYS A 39 1.36 -8.21 -31.13
C LYS A 39 -0.09 -7.75 -31.16
N VAL A 40 -0.36 -6.64 -31.86
CA VAL A 40 -1.73 -6.19 -32.03
C VAL A 40 -2.57 -7.24 -32.76
N ASP A 41 -2.10 -7.70 -33.91
CA ASP A 41 -2.79 -8.74 -34.68
CA ASP A 41 -2.84 -8.72 -34.65
C ASP A 41 -2.97 -10.02 -33.86
N ASP A 42 -1.93 -10.38 -33.12
CA ASP A 42 -1.98 -11.59 -32.30
C ASP A 42 -3.11 -11.48 -31.28
N PHE A 43 -3.17 -10.34 -30.60
CA PHE A 43 -4.19 -10.09 -29.58
C PHE A 43 -5.60 -10.14 -30.21
N LEU A 44 -5.77 -9.44 -31.33
CA LEU A 44 -7.06 -9.43 -32.00
C LEU A 44 -7.51 -10.83 -32.44
N ALA A 45 -6.55 -11.68 -32.80
CA ALA A 45 -6.86 -13.01 -33.30
C ALA A 45 -7.11 -14.01 -32.17
N ASN A 46 -6.67 -13.67 -30.97
CA ASN A 46 -6.72 -14.61 -29.85
C ASN A 46 -7.51 -14.09 -28.66
N GLU A 47 -6.83 -13.48 -27.69
CA GLU A 47 -7.49 -13.05 -26.46
C GLU A 47 -8.66 -12.11 -26.69
N ALA A 48 -8.59 -11.31 -27.77
CA ALA A 48 -9.63 -10.34 -28.05
C ALA A 48 -10.54 -10.76 -29.21
N LYS A 49 -10.42 -12.02 -29.63
CA LYS A 49 -11.27 -12.51 -30.71
C LYS A 49 -12.74 -12.33 -30.33
N GLY A 50 -13.52 -11.80 -31.26
CA GLY A 50 -14.96 -11.66 -31.07
C GLY A 50 -15.40 -10.42 -30.32
N THR A 51 -14.45 -9.60 -29.89
CA THR A 51 -14.76 -8.40 -29.10
C THR A 51 -14.91 -7.15 -29.98
N LYS A 52 -15.15 -6.02 -29.34
CA LYS A 52 -15.24 -4.73 -30.03
C LYS A 52 -13.88 -4.04 -30.15
N VAL A 53 -12.83 -4.71 -29.68
CA VAL A 53 -11.50 -4.11 -29.70
C VAL A 53 -11.04 -3.89 -31.14
N VAL A 54 -10.43 -2.74 -31.40
CA VAL A 54 -9.86 -2.46 -32.71
C VAL A 54 -8.36 -2.28 -32.55
N GLY A 55 -7.61 -2.40 -33.62
CA GLY A 55 -6.17 -2.27 -33.54
C GLY A 55 -5.66 -1.06 -34.29
N ALA A 56 -4.39 -0.75 -34.08
CA ALA A 56 -3.74 0.28 -34.86
C ALA A 56 -2.35 -0.21 -35.20
N GLN A 57 -1.82 0.25 -36.32
CA GLN A 57 -0.51 -0.19 -36.79
C GLN A 57 0.57 0.87 -36.60
N SER A 58 0.17 2.05 -36.12
CA SER A 58 1.12 3.11 -35.80
C SER A 58 0.47 4.03 -34.78
N LEU A 59 1.27 4.82 -34.09
CA LEU A 59 0.75 5.80 -33.14
C LEU A 59 -0.18 6.81 -33.81
N LYS A 60 0.21 7.28 -35.00
CA LYS A 60 -0.62 8.24 -35.70
C LYS A 60 -2.00 7.65 -36.02
N GLU A 61 -2.02 6.39 -36.46
CA GLU A 61 -3.30 5.74 -36.74
C GLU A 61 -4.12 5.59 -35.46
N MET A 62 -3.46 5.16 -34.39
CA MET A 62 -4.13 5.01 -33.11
C MET A 62 -4.81 6.32 -32.68
N VAL A 63 -4.04 7.40 -32.72
CA VAL A 63 -4.56 8.71 -32.36
C VAL A 63 -5.78 9.08 -33.21
N SER A 64 -5.71 8.76 -34.51
CA SER A 64 -6.77 9.14 -35.43
C SER A 64 -8.11 8.47 -35.10
N LYS A 65 -8.05 7.30 -34.48
CA LYS A 65 -9.27 6.54 -34.18
C LYS A 65 -9.99 7.00 -32.91
N LEU A 66 -9.40 7.93 -32.17
CA LEU A 66 -9.91 8.26 -30.85
C LEU A 66 -10.86 9.44 -30.81
N LYS A 67 -11.96 9.26 -30.10
CA LYS A 67 -12.89 10.38 -29.85
C LYS A 67 -12.24 11.42 -28.95
N LYS A 68 -12.44 12.70 -29.26
CA LYS A 68 -11.86 13.77 -28.47
C LYS A 68 -12.74 14.13 -27.27
N PRO A 69 -12.13 14.53 -26.14
CA PRO A 69 -10.67 14.55 -25.94
C PRO A 69 -10.10 13.13 -25.90
N ARG A 70 -9.00 12.95 -26.61
CA ARG A 70 -8.42 11.62 -26.76
C ARG A 70 -7.88 11.10 -25.44
N ARG A 71 -8.11 9.82 -25.18
CA ARG A 71 -7.66 9.19 -23.95
C ARG A 71 -6.76 8.00 -24.30
N ILE A 72 -5.52 8.06 -23.84
CA ILE A 72 -4.54 7.03 -24.15
C ILE A 72 -3.92 6.51 -22.87
N ILE A 73 -4.11 5.22 -22.60
CA ILE A 73 -3.47 4.57 -21.45
C ILE A 73 -2.13 3.97 -21.86
N LEU A 74 -1.09 4.26 -21.09
CA LEU A 74 0.21 3.61 -21.22
C LEU A 74 0.35 2.52 -20.16
N LEU A 75 0.62 1.30 -20.61
CA LEU A 75 0.90 0.19 -19.72
CA LEU A 75 0.90 0.19 -19.72
C LEU A 75 2.16 -0.50 -20.21
N VAL A 76 3.27 0.22 -20.11
CA VAL A 76 4.57 -0.25 -20.58
C VAL A 76 5.55 -0.25 -19.42
N LYS A 77 6.77 -0.69 -19.67
CA LYS A 77 7.75 -0.79 -18.60
C LYS A 77 8.06 0.59 -18.03
N ALA A 78 8.07 0.70 -16.71
CA ALA A 78 8.31 1.98 -16.07
C ALA A 78 9.68 2.54 -16.43
N GLY A 79 9.76 3.85 -16.55
CA GLY A 79 11.01 4.52 -16.82
C GLY A 79 11.04 5.14 -18.20
N GLN A 80 12.13 4.89 -18.91
CA GLN A 80 12.33 5.55 -20.19
C GLN A 80 11.27 5.20 -21.23
N ALA A 81 10.71 3.99 -21.17
CA ALA A 81 9.71 3.62 -22.16
C ALA A 81 8.47 4.51 -22.07
N VAL A 82 8.14 4.95 -20.86
CA VAL A 82 7.01 5.84 -20.66
C VAL A 82 7.30 7.22 -21.24
N ASP A 83 8.46 7.79 -20.91
CA ASP A 83 8.83 9.09 -21.45
C ASP A 83 8.96 9.04 -22.97
N ASP A 84 9.49 7.95 -23.50
CA ASP A 84 9.64 7.84 -24.94
C ASP A 84 8.28 7.83 -25.66
N PHE A 85 7.31 7.10 -25.12
CA PHE A 85 5.97 7.14 -25.70
C PHE A 85 5.31 8.52 -25.55
N ILE A 86 5.51 9.17 -24.41
CA ILE A 86 5.00 10.53 -24.25
C ILE A 86 5.58 11.45 -25.31
N GLU A 87 6.90 11.37 -25.51
CA GLU A 87 7.56 12.22 -26.49
C GLU A 87 7.02 11.99 -27.90
N LYS A 88 6.74 10.74 -28.24
CA LYS A 88 6.19 10.44 -29.56
C LYS A 88 4.73 10.88 -29.69
N LEU A 89 3.98 10.84 -28.59
CA LEU A 89 2.58 11.18 -28.63
C LEU A 89 2.30 12.67 -28.71
N VAL A 90 3.05 13.47 -27.95
CA VAL A 90 2.74 14.90 -27.87
C VAL A 90 2.50 15.59 -29.23
N PRO A 91 3.41 15.40 -30.20
CA PRO A 91 3.23 16.08 -31.50
C PRO A 91 1.97 15.62 -32.25
N LEU A 92 1.43 14.46 -31.87
CA LEU A 92 0.26 13.92 -32.54
C LEU A 92 -1.05 14.37 -31.92
N LEU A 93 -0.97 14.95 -30.73
CA LEU A 93 -2.19 15.23 -29.96
C LEU A 93 -2.65 16.67 -30.08
N ASP A 94 -3.88 16.92 -29.64
CA ASP A 94 -4.41 18.27 -29.57
C ASP A 94 -4.50 18.73 -28.11
N THR A 95 -4.57 20.04 -27.92
CA THR A 95 -4.79 20.60 -26.60
C THR A 95 -6.00 19.94 -25.95
N GLY A 96 -5.84 19.50 -24.71
CA GLY A 96 -6.93 18.89 -23.98
C GLY A 96 -6.95 17.36 -24.03
N ASP A 97 -6.13 16.76 -24.90
CA ASP A 97 -6.03 15.31 -24.95
C ASP A 97 -5.35 14.81 -23.67
N ILE A 98 -5.55 13.52 -23.38
CA ILE A 98 -5.23 12.94 -22.09
C ILE A 98 -4.35 11.69 -22.23
N ILE A 99 -3.23 11.68 -21.50
CA ILE A 99 -2.39 10.48 -21.39
C ILE A 99 -2.45 9.99 -19.95
N ILE A 100 -2.72 8.69 -19.79
CA ILE A 100 -2.79 8.06 -18.48
C ILE A 100 -1.70 6.99 -18.37
N ASP A 101 -0.73 7.21 -17.49
CA ASP A 101 0.27 6.19 -17.20
C ASP A 101 -0.25 5.29 -16.07
N GLY A 102 -0.60 4.05 -16.40
CA GLY A 102 -1.03 3.09 -15.41
C GLY A 102 0.04 2.12 -14.97
N GLY A 103 1.28 2.38 -15.36
CA GLY A 103 2.38 1.52 -14.96
C GLY A 103 2.84 1.78 -13.54
N ASN A 104 3.80 0.98 -13.08
CA ASN A 104 4.33 1.13 -11.73
C ASN A 104 5.44 2.17 -11.72
N SER A 105 5.05 3.39 -12.04
CA SER A 105 6.00 4.48 -12.18
C SER A 105 6.34 5.14 -10.84
N GLU A 106 7.53 5.71 -10.77
CA GLU A 106 7.97 6.42 -9.58
C GLU A 106 7.28 7.77 -9.52
N TYR A 107 6.76 8.12 -8.35
CA TYR A 107 5.87 9.27 -8.26
C TYR A 107 6.53 10.59 -8.66
N ARG A 108 7.84 10.73 -8.46
CA ARG A 108 8.50 11.97 -8.86
C ARG A 108 8.50 12.12 -10.38
N ASP A 109 8.59 11.00 -11.10
CA ASP A 109 8.50 11.04 -12.55
C ASP A 109 7.10 11.48 -12.96
N THR A 110 6.10 10.97 -12.26
CA THR A 110 4.72 11.35 -12.54
C THR A 110 4.47 12.83 -12.32
N THR A 111 5.01 13.36 -11.22
CA THR A 111 4.90 14.78 -10.97
C THR A 111 5.55 15.63 -12.07
N ARG A 112 6.76 15.25 -12.47
CA ARG A 112 7.45 15.90 -13.57
C ARG A 112 6.63 15.90 -14.86
N ARG A 113 6.13 14.72 -15.23
CA ARG A 113 5.37 14.59 -16.47
C ARG A 113 4.09 15.41 -16.41
N CYS A 114 3.43 15.38 -15.26
CA CYS A 114 2.20 16.13 -15.11
C CYS A 114 2.43 17.62 -15.36
N ARG A 115 3.44 18.17 -14.72
CA ARG A 115 3.75 19.59 -14.86
C ARG A 115 4.19 19.94 -16.28
N ASP A 116 5.07 19.13 -16.85
CA ASP A 116 5.58 19.43 -18.18
CA ASP A 116 5.60 19.39 -18.20
C ASP A 116 4.50 19.32 -19.25
N LEU A 117 3.66 18.30 -19.15
CA LEU A 117 2.60 18.14 -20.13
C LEU A 117 1.53 19.23 -19.98
N LYS A 118 1.22 19.61 -18.73
CA LYS A 118 0.25 20.67 -18.50
C LYS A 118 0.68 21.94 -19.25
N ALA A 119 1.97 22.26 -19.17
CA ALA A 119 2.52 23.44 -19.83
C ALA A 119 2.39 23.37 -21.34
N LYS A 120 2.22 22.16 -21.87
CA LYS A 120 2.09 21.95 -23.31
C LYS A 120 0.64 21.73 -23.70
N GLY A 121 -0.29 21.86 -22.76
CA GLY A 121 -1.70 21.69 -23.05
C GLY A 121 -2.21 20.26 -23.06
N ILE A 122 -1.41 19.33 -22.53
CA ILE A 122 -1.79 17.92 -22.47
C ILE A 122 -2.08 17.54 -21.02
N LEU A 123 -3.19 16.82 -20.81
CA LEU A 123 -3.61 16.45 -19.47
C LEU A 123 -3.05 15.08 -19.11
N PHE A 124 -2.32 15.00 -18.00
CA PHE A 124 -1.63 13.77 -17.63
C PHE A 124 -2.16 13.19 -16.34
N VAL A 125 -2.40 11.89 -16.37
CA VAL A 125 -2.82 11.14 -15.18
C VAL A 125 -1.81 10.05 -14.92
N GLY A 126 -1.35 9.93 -13.68
CA GLY A 126 -0.58 8.78 -13.27
C GLY A 126 -1.46 7.98 -12.32
N SER A 127 -1.77 6.73 -12.69
CA SER A 127 -2.67 5.94 -11.88
C SER A 127 -2.00 4.71 -11.33
N GLY A 128 -2.11 4.50 -10.04
CA GLY A 128 -1.78 3.20 -9.48
C GLY A 128 -2.79 2.18 -9.95
N VAL A 129 -2.35 0.95 -10.09
CA VAL A 129 -3.21 -0.16 -10.47
C VAL A 129 -2.86 -1.32 -9.56
N SER A 130 -3.85 -1.86 -8.87
CA SER A 130 -3.62 -2.98 -7.97
C SER A 130 -4.63 -4.09 -8.28
N GLY A 131 -4.22 -5.34 -8.09
CA GLY A 131 -5.10 -6.47 -8.34
C GLY A 131 -4.49 -7.55 -9.21
N GLY A 132 -3.29 -7.31 -9.71
CA GLY A 132 -2.62 -8.26 -10.57
C GLY A 132 -3.40 -8.51 -11.85
N GLU A 133 -3.11 -9.63 -12.51
CA GLU A 133 -3.70 -9.94 -13.81
C GLU A 133 -5.19 -10.24 -13.74
N GLU A 134 -5.59 -11.05 -12.76
CA GLU A 134 -7.00 -11.35 -12.55
C GLU A 134 -7.76 -10.05 -12.26
N GLY A 135 -7.20 -9.22 -11.38
CA GLY A 135 -7.81 -7.96 -11.04
C GLY A 135 -7.95 -7.07 -12.25
N ALA A 136 -6.90 -6.98 -13.05
CA ALA A 136 -6.98 -6.17 -14.25
C ALA A 136 -8.15 -6.62 -15.10
N ARG A 137 -8.33 -7.94 -15.22
CA ARG A 137 -9.34 -8.49 -16.12
C ARG A 137 -10.77 -8.21 -15.70
N TYR A 138 -11.05 -8.25 -14.40
CA TYR A 138 -12.42 -8.18 -13.90
C TYR A 138 -12.71 -7.05 -12.93
N GLY A 139 -11.69 -6.48 -12.31
CA GLY A 139 -11.92 -5.43 -11.34
C GLY A 139 -10.70 -5.01 -10.56
N PRO A 140 -9.91 -4.10 -11.14
CA PRO A 140 -8.72 -3.65 -10.41
C PRO A 140 -9.08 -2.55 -9.43
N SER A 141 -8.22 -2.30 -8.47
CA SER A 141 -8.29 -1.03 -7.77
C SER A 141 -7.47 -0.04 -8.56
N LEU A 142 -8.01 1.15 -8.77
CA LEU A 142 -7.31 2.17 -9.54
C LEU A 142 -7.14 3.42 -8.69
N MET A 143 -5.94 4.01 -8.76
CA MET A 143 -5.58 5.14 -7.91
C MET A 143 -5.07 6.28 -8.78
N PRO A 144 -5.98 6.97 -9.47
CA PRO A 144 -5.59 8.02 -10.42
C PRO A 144 -5.32 9.35 -9.74
N GLY A 145 -4.19 9.95 -10.08
CA GLY A 145 -3.90 11.33 -9.72
C GLY A 145 -3.21 12.01 -10.87
N GLY A 146 -2.91 13.30 -10.73
CA GLY A 146 -2.26 14.05 -11.79
C GLY A 146 -3.00 15.35 -12.04
N ASN A 147 -3.37 15.58 -13.29
CA ASN A 147 -4.04 16.81 -13.69
C ASN A 147 -5.54 16.60 -13.60
N LYS A 148 -6.17 17.19 -12.59
CA LYS A 148 -7.58 16.92 -12.34
C LYS A 148 -8.52 17.33 -13.47
N GLU A 149 -8.05 18.19 -14.37
CA GLU A 149 -8.85 18.54 -15.54
C GLU A 149 -9.23 17.28 -16.34
N ALA A 150 -8.40 16.24 -16.22
CA ALA A 150 -8.67 14.98 -16.93
C ALA A 150 -9.76 14.14 -16.27
N TRP A 151 -9.96 14.32 -14.97
CA TRP A 151 -10.81 13.39 -14.23
C TRP A 151 -12.23 13.24 -14.77
N PRO A 152 -12.93 14.35 -15.07
CA PRO A 152 -14.29 14.20 -15.59
C PRO A 152 -14.34 13.39 -16.89
N HIS A 153 -13.23 13.32 -17.60
CA HIS A 153 -13.21 12.64 -18.89
C HIS A 153 -12.85 11.17 -18.80
N ILE A 154 -12.26 10.75 -17.67
CA ILE A 154 -11.88 9.36 -17.52
C ILE A 154 -12.66 8.62 -16.44
N LYS A 155 -13.43 9.37 -15.65
CA LYS A 155 -14.14 8.81 -14.49
CA LYS A 155 -14.07 8.75 -14.49
C LYS A 155 -15.09 7.67 -14.86
N THR A 156 -15.81 7.84 -15.96
CA THR A 156 -16.82 6.84 -16.33
C THR A 156 -16.18 5.49 -16.64
N ILE A 157 -15.13 5.51 -17.44
CA ILE A 157 -14.43 4.30 -17.80
C ILE A 157 -13.71 3.70 -16.60
N PHE A 158 -13.00 4.55 -15.85
CA PHE A 158 -12.18 4.06 -14.75
C PHE A 158 -13.03 3.49 -13.60
N GLN A 159 -14.07 4.21 -13.22
CA GLN A 159 -14.95 3.70 -12.17
C GLN A 159 -15.77 2.52 -12.67
N GLY A 160 -16.09 2.51 -13.96
CA GLY A 160 -16.85 1.42 -14.54
C GLY A 160 -16.12 0.10 -14.42
N ILE A 161 -14.83 0.10 -14.75
CA ILE A 161 -14.06 -1.14 -14.75
C ILE A 161 -13.51 -1.52 -13.38
N ALA A 162 -13.43 -0.56 -12.46
CA ALA A 162 -12.85 -0.81 -11.14
C ALA A 162 -13.63 -1.85 -10.36
N ALA A 163 -12.93 -2.58 -9.49
CA ALA A 163 -13.59 -3.37 -8.47
C ALA A 163 -14.60 -2.52 -7.70
N LYS A 164 -15.70 -3.15 -7.30
CA LYS A 164 -16.71 -2.50 -6.47
C LYS A 164 -16.70 -3.16 -5.10
N VAL A 165 -16.98 -2.40 -4.05
CA VAL A 165 -17.26 -3.01 -2.76
C VAL A 165 -18.72 -3.44 -2.73
N GLY A 166 -19.10 -4.15 -1.67
CA GLY A 166 -20.39 -4.81 -1.61
C GLY A 166 -21.58 -3.88 -1.61
N THR A 167 -21.35 -2.63 -1.22
CA THR A 167 -22.37 -1.60 -1.24
C THR A 167 -22.43 -0.88 -2.58
N GLY A 168 -21.47 -1.18 -3.46
CA GLY A 168 -21.54 -0.71 -4.83
C GLY A 168 -20.53 0.35 -5.22
N GLU A 169 -19.88 0.98 -4.24
CA GLU A 169 -18.94 2.05 -4.58
C GLU A 169 -17.72 1.50 -5.33
N PRO A 170 -17.24 2.24 -6.33
CA PRO A 170 -16.06 1.80 -7.08
C PRO A 170 -14.78 2.06 -6.32
N CYS A 171 -13.86 1.11 -6.37
CA CYS A 171 -12.53 1.28 -5.77
C CYS A 171 -11.62 2.08 -6.72
N CYS A 172 -12.05 3.31 -6.96
CA CYS A 172 -11.40 4.23 -7.85
C CYS A 172 -12.05 5.59 -7.69
N ASP A 173 -11.27 6.58 -7.29
CA ASP A 173 -11.73 7.96 -7.23
C ASP A 173 -10.49 8.83 -7.42
N TRP A 174 -10.67 10.12 -7.65
CA TRP A 174 -9.54 10.99 -7.83
C TRP A 174 -8.74 11.07 -6.55
N VAL A 175 -7.45 10.73 -6.63
CA VAL A 175 -6.58 10.73 -5.47
C VAL A 175 -6.10 12.13 -5.10
N GLY A 176 -5.63 12.87 -6.10
CA GLY A 176 -5.06 14.18 -5.85
C GLY A 176 -4.07 14.55 -6.93
N ASP A 177 -3.32 15.61 -6.67
CA ASP A 177 -2.49 16.28 -7.67
C ASP A 177 -1.24 15.50 -8.09
N GLU A 178 -0.84 15.69 -9.34
CA GLU A 178 0.50 15.34 -9.79
C GLU A 178 0.80 13.87 -9.54
N GLY A 179 1.87 13.56 -8.81
CA GLY A 179 2.23 12.17 -8.56
C GLY A 179 1.50 11.48 -7.43
N ALA A 180 0.44 12.09 -6.91
CA ALA A 180 -0.26 11.55 -5.74
C ALA A 180 -0.78 10.13 -5.91
N GLY A 181 -1.29 9.78 -7.10
CA GLY A 181 -1.77 8.42 -7.32
C GLY A 181 -0.67 7.38 -7.19
N HIS A 182 0.48 7.67 -7.80
CA HIS A 182 1.60 6.75 -7.72
C HIS A 182 2.24 6.77 -6.33
N PHE A 183 2.20 7.91 -5.66
CA PHE A 183 2.66 7.98 -4.28
C PHE A 183 1.80 7.08 -3.40
N VAL A 184 0.48 7.17 -3.59
CA VAL A 184 -0.45 6.31 -2.86
C VAL A 184 -0.19 4.83 -3.13
N LYS A 185 0.09 4.46 -4.38
CA LYS A 185 0.39 3.06 -4.68
C LYS A 185 1.64 2.61 -3.94
N MET A 186 2.65 3.47 -3.89
CA MET A 186 3.88 3.17 -3.16
CA MET A 186 3.87 3.17 -3.17
C MET A 186 3.60 2.92 -1.69
N VAL A 187 2.81 3.77 -1.05
CA VAL A 187 2.51 3.58 0.36
C VAL A 187 1.73 2.28 0.59
N HIS A 188 0.79 1.99 -0.30
CA HIS A 188 0.03 0.73 -0.30
C HIS A 188 0.98 -0.47 -0.27
N ASN A 189 2.04 -0.41 -1.07
CA ASN A 189 2.99 -1.51 -1.12
C ASN A 189 3.66 -1.72 0.23
N GLY A 190 4.01 -0.62 0.91
CA GLY A 190 4.61 -0.71 2.23
C GLY A 190 3.62 -1.23 3.25
N ILE A 191 2.40 -0.72 3.21
CA ILE A 191 1.35 -1.17 4.11
C ILE A 191 1.17 -2.69 4.03
N GLU A 192 1.20 -3.22 2.81
CA GLU A 192 1.09 -4.66 2.62
C GLU A 192 2.16 -5.42 3.40
N TYR A 193 3.41 -4.95 3.34
CA TYR A 193 4.48 -5.59 4.11
C TYR A 193 4.13 -5.62 5.58
N GLY A 194 3.58 -4.52 6.08
CA GLY A 194 3.24 -4.43 7.48
C GLY A 194 2.18 -5.44 7.88
N ASP A 195 1.14 -5.56 7.06
CA ASP A 195 0.03 -6.46 7.38
C ASP A 195 0.51 -7.90 7.39
N MET A 196 1.38 -8.24 6.45
CA MET A 196 1.90 -9.61 6.39
C MET A 196 2.79 -9.93 7.58
N GLN A 197 3.67 -9.01 7.96
CA GLN A 197 4.54 -9.22 9.10
C GLN A 197 3.74 -9.37 10.39
N LEU A 198 2.70 -8.55 10.55
CA LEU A 198 1.86 -8.63 11.74
C LEU A 198 1.21 -10.00 11.87
N ILE A 199 0.70 -10.52 10.76
CA ILE A 199 0.11 -11.85 10.77
C ILE A 199 1.16 -12.90 11.15
N CYS A 200 2.38 -12.74 10.64
CA CYS A 200 3.48 -13.64 10.98
C CYS A 200 3.80 -13.66 12.48
N GLU A 201 3.80 -12.48 13.11
CA GLU A 201 4.06 -12.40 14.54
C GLU A 201 2.94 -13.07 15.34
N ALA A 202 1.70 -12.85 14.94
CA ALA A 202 0.58 -13.53 15.58
C ALA A 202 0.74 -15.05 15.47
N TYR A 203 1.08 -15.52 14.27
CA TYR A 203 1.33 -16.93 14.02
C TYR A 203 2.43 -17.45 14.93
N HIS A 204 3.54 -16.73 15.05
CA HIS A 204 4.67 -17.21 15.82
C HIS A 204 4.29 -17.36 17.29
N LEU A 205 3.51 -16.40 17.81
CA LEU A 205 3.02 -16.50 19.19
C LEU A 205 2.09 -17.70 19.38
N MET A 206 1.17 -17.90 18.45
CA MET A 206 0.29 -19.08 18.51
C MET A 206 1.11 -20.35 18.56
N LYS A 207 2.12 -20.42 17.70
CA LYS A 207 2.85 -21.67 17.50
C LYS A 207 3.81 -21.93 18.64
N ASP A 208 4.53 -20.90 19.08
CA ASP A 208 5.66 -21.10 19.99
C ASP A 208 5.37 -20.71 21.44
N VAL A 209 4.35 -19.90 21.67
CA VAL A 209 3.94 -19.63 23.05
C VAL A 209 2.78 -20.54 23.46
N LEU A 210 1.77 -20.66 22.59
CA LEU A 210 0.60 -21.47 22.90
C LEU A 210 0.69 -22.91 22.43
N GLY A 211 1.75 -23.25 21.70
CA GLY A 211 1.98 -24.63 21.27
C GLY A 211 0.85 -25.20 20.42
N MET A 212 0.25 -24.36 19.58
CA MET A 212 -0.92 -24.77 18.83
C MET A 212 -0.58 -25.63 17.61
N ALA A 213 -1.51 -26.48 17.23
CA ALA A 213 -1.32 -27.32 16.06
C ALA A 213 -1.60 -26.49 14.81
N GLN A 214 -1.10 -26.94 13.67
CA GLN A 214 -1.29 -26.20 12.42
C GLN A 214 -2.76 -25.96 12.10
N ASP A 215 -3.59 -27.00 12.16
CA ASP A 215 -5.00 -26.84 11.82
C ASP A 215 -5.74 -26.00 12.85
N GLU A 216 -5.24 -26.02 14.08
CA GLU A 216 -5.80 -25.24 15.17
C GLU A 216 -5.55 -23.76 14.92
N MET A 217 -4.36 -23.45 14.43
CA MET A 217 -4.01 -22.08 14.09
C MET A 217 -4.80 -21.62 12.86
N ALA A 218 -5.00 -22.52 11.91
CA ALA A 218 -5.86 -22.19 10.78
C ALA A 218 -7.25 -21.81 11.28
N GLN A 219 -7.80 -22.60 12.19
CA GLN A 219 -9.13 -22.32 12.72
C GLN A 219 -9.16 -20.99 13.49
N ALA A 220 -8.11 -20.69 14.23
CA ALA A 220 -8.04 -19.41 14.94
C ALA A 220 -8.10 -18.23 13.95
N PHE A 221 -7.31 -18.29 12.88
CA PHE A 221 -7.34 -17.22 11.89
C PHE A 221 -8.70 -17.15 11.20
N GLU A 222 -9.31 -18.30 10.92
CA GLU A 222 -10.65 -18.32 10.35
C GLU A 222 -11.64 -17.63 11.29
N ASP A 223 -11.55 -17.96 12.58
CA ASP A 223 -12.42 -17.33 13.58
C ASP A 223 -12.18 -15.83 13.62
N TRP A 224 -10.91 -15.44 13.59
CA TRP A 224 -10.55 -14.02 13.63
C TRP A 224 -11.11 -13.29 12.42
N ASN A 225 -11.22 -13.98 11.30
CA ASN A 225 -11.69 -13.35 10.09
C ASN A 225 -13.18 -13.00 10.11
N LYS A 226 -13.87 -13.43 11.17
CA LYS A 226 -15.30 -13.19 11.28
C LYS A 226 -15.62 -11.89 12.01
N THR A 227 -14.63 -11.31 12.68
CA THR A 227 -14.88 -10.06 13.40
C THR A 227 -14.05 -8.91 12.83
N GLU A 228 -13.54 -8.02 13.68
CA GLU A 228 -12.94 -6.78 13.21
C GLU A 228 -11.82 -6.97 12.19
N LEU A 229 -11.12 -8.10 12.29
CA LEU A 229 -9.94 -8.32 11.45
C LEU A 229 -10.24 -8.82 10.04
N ASP A 230 -11.52 -9.07 9.74
CA ASP A 230 -11.98 -9.59 8.46
C ASP A 230 -11.16 -9.00 7.31
N SER A 231 -10.37 -9.83 6.65
CA SER A 231 -9.47 -9.37 5.59
C SER A 231 -8.98 -10.51 4.71
N PHE A 232 -8.65 -10.20 3.47
CA PHE A 232 -8.15 -11.21 2.55
C PHE A 232 -6.87 -11.89 3.06
N LEU A 233 -5.94 -11.13 3.62
CA LEU A 233 -4.69 -11.74 4.08
C LEU A 233 -4.91 -12.77 5.19
N ILE A 234 -5.87 -12.49 6.07
CA ILE A 234 -6.19 -13.48 7.10
C ILE A 234 -6.89 -14.70 6.50
N GLU A 235 -7.78 -14.48 5.54
CA GLU A 235 -8.45 -15.58 4.85
C GLU A 235 -7.44 -16.55 4.25
N ILE A 236 -6.48 -16.03 3.49
CA ILE A 236 -5.53 -16.92 2.82
C ILE A 236 -4.55 -17.54 3.82
N THR A 237 -4.27 -16.83 4.91
CA THR A 237 -3.39 -17.39 5.93
C THR A 237 -4.01 -18.67 6.54
N ALA A 238 -5.30 -18.60 6.86
CA ALA A 238 -6.01 -19.78 7.35
C ALA A 238 -5.93 -20.93 6.36
N ASN A 239 -6.16 -20.61 5.09
CA ASN A 239 -6.12 -21.65 4.06
C ASN A 239 -4.74 -22.27 3.96
N ILE A 240 -3.72 -21.42 3.99
CA ILE A 240 -2.34 -21.89 3.92
C ILE A 240 -2.00 -22.82 5.06
N LEU A 241 -2.45 -22.46 6.26
CA LEU A 241 -2.09 -23.22 7.46
C LEU A 241 -2.66 -24.64 7.49
N LYS A 242 -3.81 -24.86 6.86
CA LYS A 242 -4.36 -26.20 6.88
C LYS A 242 -3.99 -27.01 5.64
N PHE A 243 -3.27 -26.39 4.70
CA PHE A 243 -2.94 -27.06 3.45
C PHE A 243 -1.96 -28.22 3.66
N GLN A 244 -2.35 -29.41 3.21
CA GLN A 244 -1.49 -30.58 3.33
C GLN A 244 -0.85 -30.95 1.99
N ASP A 245 0.42 -31.29 2.05
CA ASP A 245 1.19 -31.75 0.90
C ASP A 245 0.70 -33.15 0.49
N THR A 246 1.25 -33.65 -0.61
CA THR A 246 0.81 -34.93 -1.16
C THR A 246 1.06 -36.09 -0.19
N ASP A 247 2.03 -35.93 0.69
CA ASP A 247 2.38 -36.97 1.66
C ASP A 247 1.54 -36.89 2.95
N GLY A 248 0.57 -35.99 2.97
CA GLY A 248 -0.30 -35.83 4.13
C GLY A 248 0.30 -34.99 5.24
N LYS A 249 1.51 -34.48 5.03
CA LYS A 249 2.11 -33.56 5.97
C LYS A 249 1.79 -32.13 5.56
N HIS A 250 1.67 -31.24 6.54
CA HIS A 250 1.43 -29.83 6.25
C HIS A 250 2.57 -29.24 5.42
N LEU A 251 2.20 -28.44 4.42
CA LEU A 251 3.18 -27.86 3.50
C LEU A 251 3.99 -26.71 4.11
N LEU A 252 3.33 -25.81 4.84
CA LEU A 252 4.03 -24.60 5.31
C LEU A 252 5.33 -24.89 6.06
N PRO A 253 5.32 -25.88 6.97
CA PRO A 253 6.58 -26.16 7.70
C PRO A 253 7.76 -26.59 6.82
N LYS A 254 7.49 -26.97 5.56
CA LYS A 254 8.55 -27.39 4.64
C LYS A 254 9.18 -26.22 3.89
N ILE A 255 8.55 -25.06 3.98
CA ILE A 255 8.92 -23.90 3.17
C ILE A 255 10.07 -23.08 3.77
N ARG A 256 11.00 -22.67 2.92
CA ARG A 256 12.16 -21.88 3.34
C ARG A 256 11.72 -20.50 3.82
N ASP A 257 12.22 -20.13 5.00
CA ASP A 257 11.84 -18.87 5.65
C ASP A 257 12.76 -17.72 5.29
N SER A 258 12.77 -17.35 4.01
CA SER A 258 13.54 -16.22 3.52
C SER A 258 12.69 -15.41 2.57
N ALA A 259 12.40 -14.17 2.93
CA ALA A 259 11.44 -13.35 2.19
C ALA A 259 12.05 -12.21 1.37
N GLY A 260 13.38 -12.12 1.35
CA GLY A 260 14.04 -11.22 0.41
C GLY A 260 14.51 -9.91 1.00
N GLN A 261 15.59 -9.37 0.41
CA GLN A 261 16.23 -8.14 0.90
C GLN A 261 16.06 -6.95 -0.02
N LYS A 262 15.47 -7.15 -1.20
CA LYS A 262 15.45 -6.11 -2.22
C LYS A 262 14.04 -5.66 -2.60
N GLY A 263 13.04 -6.11 -1.84
CA GLY A 263 11.67 -5.85 -2.20
C GLY A 263 11.24 -4.39 -2.20
N THR A 264 10.23 -4.09 -3.01
CA THR A 264 9.75 -2.71 -3.19
C THR A 264 9.20 -2.01 -1.93
N GLY A 265 8.86 -2.78 -0.90
CA GLY A 265 8.37 -2.17 0.34
C GLY A 265 9.35 -1.17 0.95
N LYS A 266 10.64 -1.38 0.68
CA LYS A 266 11.66 -0.48 1.20
C LYS A 266 11.40 0.98 0.85
N TRP A 267 10.78 1.24 -0.31
CA TRP A 267 10.61 2.62 -0.75
C TRP A 267 9.67 3.41 0.13
N THR A 268 8.70 2.74 0.76
CA THR A 268 7.82 3.42 1.70
C THR A 268 8.59 3.86 2.95
N ALA A 269 9.42 2.96 3.47
CA ALA A 269 10.22 3.29 4.64
C ALA A 269 11.26 4.37 4.32
N ILE A 270 11.88 4.29 3.14
CA ILE A 270 12.79 5.33 2.70
C ILE A 270 12.08 6.67 2.58
N SER A 271 10.89 6.67 1.99
CA SER A 271 10.12 7.90 1.87
C SER A 271 9.86 8.51 3.27
N ALA A 272 9.46 7.67 4.21
CA ALA A 272 9.23 8.12 5.57
C ALA A 272 10.46 8.81 6.15
N LEU A 273 11.62 8.21 5.96
CA LEU A 273 12.86 8.80 6.45
C LEU A 273 13.17 10.12 5.72
N GLU A 274 12.95 10.15 4.42
CA GLU A 274 13.19 11.38 3.66
C GLU A 274 12.34 12.55 4.16
N TYR A 275 11.07 12.26 4.45
CA TYR A 275 10.14 13.33 4.80
CA TYR A 275 10.07 13.26 4.80
C TYR A 275 9.97 13.51 6.30
N GLY A 276 10.70 12.71 7.08
CA GLY A 276 10.70 12.85 8.53
C GLY A 276 9.45 12.40 9.26
N VAL A 277 8.80 11.36 8.74
CA VAL A 277 7.58 10.83 9.33
C VAL A 277 7.87 9.50 10.00
N PRO A 278 7.39 9.32 11.24
CA PRO A 278 7.72 8.10 11.99
C PRO A 278 6.88 6.89 11.57
N VAL A 279 7.18 6.35 10.39
CA VAL A 279 6.47 5.19 9.84
C VAL A 279 7.21 3.93 10.30
N THR A 280 7.15 3.71 11.61
CA THR A 280 8.05 2.74 12.21
C THR A 280 7.68 1.29 11.90
N LEU A 281 6.39 0.99 11.74
CA LEU A 281 5.98 -0.41 11.58
C LEU A 281 6.37 -0.94 10.21
N ILE A 282 6.06 -0.19 9.16
CA ILE A 282 6.50 -0.60 7.83
C ILE A 282 8.03 -0.74 7.78
N GLY A 283 8.75 0.17 8.44
CA GLY A 283 10.20 0.05 8.51
C GLY A 283 10.62 -1.29 9.12
N GLU A 284 10.05 -1.66 10.26
CA GLU A 284 10.36 -2.93 10.86
C GLU A 284 9.94 -4.11 9.98
N ALA A 285 8.84 -3.99 9.26
CA ALA A 285 8.41 -5.08 8.39
C ALA A 285 9.40 -5.32 7.26
N VAL A 286 9.89 -4.23 6.66
CA VAL A 286 10.93 -4.33 5.63
C VAL A 286 12.20 -4.97 6.22
N PHE A 287 12.63 -4.46 7.36
CA PHE A 287 13.85 -5.01 7.97
C PHE A 287 13.67 -6.47 8.38
N ALA A 288 12.44 -6.87 8.75
CA ALA A 288 12.20 -8.27 9.08
C ALA A 288 12.36 -9.18 7.87
N ARG A 289 11.94 -8.72 6.70
CA ARG A 289 12.21 -9.50 5.49
C ARG A 289 13.71 -9.62 5.28
N CYS A 290 14.44 -8.52 5.47
CA CYS A 290 15.89 -8.53 5.30
C CYS A 290 16.53 -9.53 6.26
N LEU A 291 16.10 -9.50 7.51
CA LEU A 291 16.62 -10.43 8.50
C LEU A 291 16.33 -11.88 8.12
N SER A 292 15.13 -12.13 7.60
CA SER A 292 14.77 -13.50 7.22
C SER A 292 15.68 -13.99 6.10
N SER A 293 16.16 -13.08 5.27
CA SER A 293 16.99 -13.46 4.13
C SER A 293 18.38 -13.93 4.55
N LEU A 294 18.79 -13.58 5.76
CA LEU A 294 20.09 -14.02 6.29
C LEU A 294 19.97 -15.43 6.88
N LYS A 295 19.45 -16.35 6.07
CA LYS A 295 19.12 -17.68 6.55
C LYS A 295 20.34 -18.46 7.06
N ASP A 296 21.41 -18.50 6.28
CA ASP A 296 22.60 -19.22 6.73
C ASP A 296 23.19 -18.59 7.99
N GLU A 297 23.17 -17.26 8.04
CA GLU A 297 23.68 -16.56 9.21
C GLU A 297 22.85 -16.92 10.43
N ARG A 298 21.54 -17.06 10.26
CA ARG A 298 20.68 -17.40 11.39
C ARG A 298 20.84 -18.85 11.84
N ILE A 299 21.07 -19.75 10.89
CA ILE A 299 21.41 -21.12 11.24
C ILE A 299 22.67 -21.13 12.11
N GLN A 300 23.71 -20.42 11.69
CA GLN A 300 24.93 -20.35 12.49
C GLN A 300 24.67 -19.72 13.85
N ALA A 301 23.94 -18.61 13.88
CA ALA A 301 23.72 -17.89 15.12
C ALA A 301 22.92 -18.74 16.10
N SER A 302 22.00 -19.56 15.58
CA SER A 302 21.16 -20.39 16.44
C SER A 302 21.97 -21.43 17.21
N LYS A 303 23.17 -21.72 16.72
CA LYS A 303 24.04 -22.69 17.38
C LYS A 303 24.88 -22.04 18.49
N LYS A 304 24.91 -20.70 18.52
CA LYS A 304 25.81 -19.98 19.42
C LYS A 304 25.10 -19.07 20.41
N LEU A 305 23.96 -18.54 19.99
CA LEU A 305 23.22 -17.56 20.78
C LEU A 305 22.00 -18.20 21.42
N LYS A 306 21.81 -17.94 22.71
CA LYS A 306 20.71 -18.56 23.43
C LYS A 306 19.57 -17.57 23.68
N GLY A 307 18.38 -18.13 23.83
CA GLY A 307 17.23 -17.36 24.25
C GLY A 307 17.04 -17.53 25.74
N PRO A 308 15.85 -17.20 26.24
CA PRO A 308 15.54 -17.30 27.67
C PRO A 308 15.43 -18.75 28.12
N PHE A 311 11.44 -20.38 29.91
CA PHE A 311 10.06 -19.89 29.87
C PHE A 311 9.07 -21.01 29.54
N GLN A 312 7.90 -20.96 30.20
CA GLN A 312 6.82 -21.90 29.93
C GLN A 312 5.46 -21.24 30.18
N PHE A 313 4.60 -21.24 29.18
CA PHE A 313 3.30 -20.56 29.30
C PHE A 313 2.37 -21.22 30.31
N ASP A 314 2.01 -20.47 31.35
CA ASP A 314 0.97 -20.90 32.28
C ASP A 314 -0.14 -19.86 32.34
N GLY A 315 -1.26 -20.18 31.68
CA GLY A 315 -2.39 -19.28 31.66
C GLY A 315 -3.53 -19.89 30.88
N ASP A 316 -4.60 -19.13 30.72
CA ASP A 316 -5.74 -19.57 29.94
C ASP A 316 -5.46 -19.35 28.47
N LYS A 317 -5.38 -20.44 27.71
CA LYS A 317 -5.03 -20.36 26.31
C LYS A 317 -6.00 -19.51 25.49
N LYS A 318 -7.30 -19.73 25.69
CA LYS A 318 -8.31 -18.98 24.95
C LYS A 318 -8.13 -17.48 25.17
N SER A 319 -7.85 -17.10 26.41
CA SER A 319 -7.67 -15.71 26.78
C SER A 319 -6.44 -15.12 26.10
N PHE A 320 -5.32 -15.83 26.15
CA PHE A 320 -4.10 -15.30 25.57
C PHE A 320 -4.22 -15.24 24.05
N LEU A 321 -4.89 -16.21 23.46
CA LEU A 321 -5.15 -16.19 22.02
C LEU A 321 -5.91 -14.91 21.67
N GLU A 322 -6.89 -14.57 22.50
CA GLU A 322 -7.64 -13.34 22.30
C GLU A 322 -6.74 -12.11 22.48
N ASP A 323 -5.79 -12.16 23.42
CA ASP A 323 -4.81 -11.10 23.57
C ASP A 323 -4.00 -10.92 22.28
N ILE A 324 -3.61 -12.03 21.65
CA ILE A 324 -2.87 -11.92 20.39
C ILE A 324 -3.71 -11.24 19.33
N ARG A 325 -4.99 -11.61 19.24
CA ARG A 325 -5.89 -11.01 18.26
C ARG A 325 -5.93 -9.50 18.44
N LYS A 326 -6.08 -9.05 19.67
CA LYS A 326 -6.20 -7.64 19.99
C LYS A 326 -4.89 -6.88 19.79
N ALA A 327 -3.77 -7.55 20.08
CA ALA A 327 -2.45 -6.98 19.79
C ALA A 327 -2.29 -6.76 18.30
N LEU A 328 -2.71 -7.73 17.51
CA LEU A 328 -2.66 -7.62 16.07
C LEU A 328 -3.51 -6.44 15.58
N TYR A 329 -4.75 -6.38 16.05
CA TYR A 329 -5.66 -5.30 15.65
C TYR A 329 -5.10 -3.92 16.02
N ALA A 330 -4.67 -3.75 17.27
CA ALA A 330 -4.12 -2.46 17.68
C ALA A 330 -2.88 -2.09 16.86
N SER A 331 -2.02 -3.07 16.62
CA SER A 331 -0.79 -2.79 15.88
C SER A 331 -1.12 -2.39 14.45
N LYS A 332 -2.14 -3.02 13.87
CA LYS A 332 -2.56 -2.67 12.53
C LYS A 332 -3.07 -1.23 12.50
N ILE A 333 -3.85 -0.86 13.51
CA ILE A 333 -4.34 0.52 13.58
C ILE A 333 -3.16 1.50 13.58
N ILE A 334 -2.15 1.22 14.38
CA ILE A 334 -0.97 2.10 14.40
C ILE A 334 -0.28 2.14 13.04
N SER A 335 -0.15 0.99 12.38
CA SER A 335 0.50 0.98 11.07
C SER A 335 -0.20 1.89 10.07
N TYR A 336 -1.53 1.78 10.00
CA TYR A 336 -2.27 2.62 9.07
C TYR A 336 -2.25 4.08 9.49
N ALA A 337 -2.29 4.34 10.80
CA ALA A 337 -2.15 5.73 11.25
C ALA A 337 -0.84 6.31 10.74
N GLN A 338 0.23 5.53 10.84
CA GLN A 338 1.53 5.96 10.34
C GLN A 338 1.54 6.15 8.82
N GLY A 339 0.93 5.23 8.07
CA GLY A 339 0.87 5.37 6.63
C GLY A 339 0.12 6.63 6.22
N PHE A 340 -0.97 6.91 6.91
CA PHE A 340 -1.72 8.14 6.60
C PHE A 340 -0.98 9.41 7.02
N MET A 341 -0.13 9.32 8.05
CA MET A 341 0.75 10.44 8.38
C MET A 341 1.72 10.75 7.24
N LEU A 342 2.20 9.70 6.58
CA LEU A 342 3.12 9.88 5.46
C LEU A 342 2.39 10.54 4.28
N LEU A 343 1.17 10.08 4.01
CA LEU A 343 0.37 10.71 2.97
C LEU A 343 0.17 12.20 3.28
N ARG A 344 -0.18 12.49 4.53
CA ARG A 344 -0.39 13.87 4.99
C ARG A 344 0.87 14.72 4.79
N GLN A 345 2.03 14.15 5.08
CA GLN A 345 3.25 14.92 4.93
C GLN A 345 3.54 15.20 3.47
N ALA A 346 3.30 14.22 2.59
CA ALA A 346 3.51 14.47 1.17
C ALA A 346 2.58 15.57 0.68
N ALA A 347 1.34 15.57 1.17
CA ALA A 347 0.40 16.62 0.83
C ALA A 347 1.01 17.97 1.18
N THR A 348 1.58 18.05 2.38
CA THR A 348 2.17 19.29 2.84
C THR A 348 3.39 19.68 2.01
N GLU A 349 4.27 18.72 1.76
CA GLU A 349 5.49 18.96 0.98
CA GLU A 349 5.49 18.98 0.99
C GLU A 349 5.21 19.54 -0.40
N PHE A 350 4.22 18.97 -1.09
CA PHE A 350 3.93 19.31 -2.48
C PHE A 350 2.71 20.21 -2.70
N GLY A 351 1.98 20.50 -1.63
CA GLY A 351 0.78 21.30 -1.75
C GLY A 351 -0.34 20.53 -2.41
N TRP A 352 -0.36 19.21 -2.21
CA TRP A 352 -1.40 18.37 -2.78
C TRP A 352 -2.62 18.31 -1.87
N THR A 353 -3.77 18.16 -2.50
CA THR A 353 -5.03 17.91 -1.81
C THR A 353 -5.36 16.44 -2.00
N LEU A 354 -5.37 15.67 -0.91
CA LEU A 354 -5.52 14.22 -1.01
C LEU A 354 -6.88 13.74 -0.55
N ASN A 355 -7.42 12.80 -1.30
CA ASN A 355 -8.73 12.22 -1.01
C ASN A 355 -8.57 11.07 -0.03
N TYR A 356 -8.39 11.39 1.26
CA TYR A 356 -8.02 10.36 2.24
C TYR A 356 -9.06 9.25 2.33
N GLY A 357 -10.33 9.62 2.42
CA GLY A 357 -11.39 8.63 2.47
C GLY A 357 -11.43 7.75 1.22
N GLY A 358 -11.24 8.39 0.06
CA GLY A 358 -11.23 7.66 -1.19
C GLY A 358 -10.06 6.69 -1.29
N ILE A 359 -8.91 7.11 -0.76
CA ILE A 359 -7.74 6.23 -0.75
C ILE A 359 -8.04 4.95 0.05
N ALA A 360 -8.64 5.09 1.21
CA ALA A 360 -9.02 3.91 1.99
C ALA A 360 -9.91 2.96 1.17
N LEU A 361 -10.87 3.55 0.44
CA LEU A 361 -11.75 2.76 -0.40
C LEU A 361 -11.00 2.08 -1.56
N MET A 362 -10.06 2.82 -2.15
CA MET A 362 -9.28 2.29 -3.24
C MET A 362 -8.40 1.12 -2.81
N TRP A 363 -8.08 1.06 -1.53
CA TRP A 363 -7.23 -0.02 -1.03
C TRP A 363 -8.03 -1.27 -0.68
N ARG A 364 -9.35 -1.22 -0.89
CA ARG A 364 -10.16 -2.43 -0.87
C ARG A 364 -10.18 -2.97 -2.29
N GLY A 365 -11.24 -3.69 -2.66
CA GLY A 365 -11.39 -4.09 -4.05
C GLY A 365 -10.38 -5.11 -4.54
N GLY A 366 -9.48 -4.68 -5.42
CA GLY A 366 -8.48 -5.59 -5.97
C GLY A 366 -7.23 -5.74 -5.13
N CYS A 367 -7.05 -4.89 -4.13
CA CYS A 367 -5.80 -4.89 -3.37
C CYS A 367 -5.71 -6.08 -2.43
N ILE A 368 -4.51 -6.61 -2.32
CA ILE A 368 -4.21 -7.68 -1.39
C ILE A 368 -4.56 -7.29 0.06
N ILE A 369 -4.36 -6.01 0.39
CA ILE A 369 -4.63 -5.53 1.75
C ILE A 369 -6.12 -5.29 2.04
N ARG A 370 -6.99 -5.60 1.09
CA ARG A 370 -8.42 -5.36 1.28
C ARG A 370 -8.96 -5.93 2.60
N SER A 371 -9.82 -5.15 3.26
CA SER A 371 -10.31 -5.50 4.59
C SER A 371 -11.53 -4.66 4.93
N VAL A 372 -12.34 -5.15 5.86
CA VAL A 372 -13.44 -4.35 6.40
C VAL A 372 -12.89 -3.14 7.18
N PHE A 373 -11.76 -3.35 7.85
CA PHE A 373 -11.03 -2.31 8.56
C PHE A 373 -10.80 -1.07 7.70
N LEU A 374 -10.45 -1.25 6.43
CA LEU A 374 -10.28 -0.11 5.52
C LEU A 374 -11.58 0.69 5.37
N GLY A 375 -12.73 0.02 5.41
CA GLY A 375 -14.00 0.71 5.36
C GLY A 375 -14.18 1.60 6.58
N LYS A 376 -13.64 1.18 7.72
CA LYS A 376 -13.70 1.97 8.94
C LYS A 376 -12.80 3.21 8.83
N ILE A 377 -11.70 3.08 8.10
CA ILE A 377 -10.85 4.24 7.85
C ILE A 377 -11.59 5.24 6.97
N LYS A 378 -12.25 4.76 5.92
CA LYS A 378 -13.07 5.64 5.10
C LYS A 378 -14.13 6.34 5.97
N ASP A 379 -14.78 5.57 6.86
CA ASP A 379 -15.79 6.15 7.75
C ASP A 379 -15.22 7.29 8.58
N ALA A 380 -13.99 7.11 9.08
CA ALA A 380 -13.36 8.13 9.90
C ALA A 380 -13.21 9.44 9.12
N PHE A 381 -12.75 9.36 7.88
CA PHE A 381 -12.59 10.56 7.07
C PHE A 381 -13.92 11.12 6.59
N ASP A 382 -14.92 10.26 6.42
CA ASP A 382 -16.26 10.74 6.07
C ASP A 382 -16.86 11.49 7.26
N ARG A 383 -16.62 11.00 8.48
CA ARG A 383 -17.07 11.69 9.69
C ARG A 383 -16.39 13.03 9.87
N ASN A 384 -15.11 13.10 9.50
CA ASN A 384 -14.33 14.31 9.63
C ASN A 384 -13.25 14.32 8.57
N PRO A 385 -13.54 14.94 7.42
CA PRO A 385 -12.57 14.95 6.33
C PRO A 385 -11.30 15.73 6.68
N GLU A 386 -11.33 16.48 7.79
CA GLU A 386 -10.17 17.23 8.28
C GLU A 386 -9.40 16.47 9.35
N LEU A 387 -9.74 15.22 9.56
CA LEU A 387 -9.05 14.39 10.55
C LEU A 387 -7.54 14.44 10.34
N GLN A 388 -6.80 14.72 11.41
CA GLN A 388 -5.35 14.89 11.29
C GLN A 388 -4.54 13.63 11.61
N ASN A 389 -5.12 12.73 12.39
CA ASN A 389 -4.48 11.45 12.68
C ASN A 389 -5.54 10.41 12.95
N LEU A 390 -5.39 9.25 12.34
CA LEU A 390 -6.36 8.18 12.50
C LEU A 390 -6.61 7.85 13.98
N LEU A 391 -5.58 7.98 14.81
CA LEU A 391 -5.70 7.61 16.22
C LEU A 391 -6.67 8.50 16.99
N LEU A 392 -6.96 9.69 16.44
CA LEU A 392 -7.88 10.63 17.08
C LEU A 392 -9.34 10.38 16.75
N ASP A 393 -9.61 9.55 15.75
CA ASP A 393 -10.99 9.25 15.43
C ASP A 393 -11.59 8.41 16.54
N ASP A 394 -12.82 8.71 16.94
CA ASP A 394 -13.41 8.02 18.08
C ASP A 394 -13.45 6.49 17.94
N PHE A 395 -13.72 5.99 16.74
CA PHE A 395 -13.73 4.54 16.53
C PHE A 395 -12.36 3.92 16.81
N PHE A 396 -11.31 4.53 16.26
CA PHE A 396 -9.96 3.99 16.43
C PHE A 396 -9.39 4.21 17.81
N LYS A 397 -9.72 5.36 18.40
CA LYS A 397 -9.36 5.64 19.78
C LYS A 397 -9.96 4.58 20.71
N SER A 398 -11.24 4.30 20.52
CA SER A 398 -11.93 3.31 21.33
CA SER A 398 -11.94 3.30 21.32
C SER A 398 -11.34 1.91 21.13
N ALA A 399 -11.06 1.56 19.88
CA ALA A 399 -10.49 0.25 19.58
C ALA A 399 -9.15 0.06 20.27
N VAL A 400 -8.26 1.03 20.12
CA VAL A 400 -6.96 0.90 20.77
C VAL A 400 -7.11 0.83 22.29
N GLU A 401 -7.98 1.66 22.84
CA GLU A 401 -8.18 1.68 24.29
C GLU A 401 -8.66 0.30 24.75
N ASN A 402 -9.58 -0.29 24.01
CA ASN A 402 -10.12 -1.60 24.35
C ASN A 402 -9.13 -2.75 24.16
N CYS A 403 -8.13 -2.53 23.32
CA CYS A 403 -7.13 -3.56 23.03
C CYS A 403 -5.86 -3.43 23.85
N GLN A 404 -5.62 -2.29 24.49
CA GLN A 404 -4.27 -2.04 24.94
C GLN A 404 -3.78 -2.93 26.08
N ASP A 405 -4.65 -3.32 27.01
CA ASP A 405 -4.21 -4.20 28.07
CA ASP A 405 -4.23 -4.23 28.08
C ASP A 405 -3.79 -5.57 27.49
N SER A 406 -4.57 -6.08 26.54
CA SER A 406 -4.23 -7.31 25.82
C SER A 406 -2.92 -7.16 25.05
N TRP A 407 -2.77 -6.03 24.39
CA TRP A 407 -1.59 -5.72 23.60
C TRP A 407 -0.33 -5.80 24.46
N ARG A 408 -0.39 -5.18 25.63
CA ARG A 408 0.74 -5.16 26.54
C ARG A 408 1.04 -6.56 27.08
N ARG A 409 0.02 -7.33 27.36
CA ARG A 409 0.24 -8.70 27.78
CA ARG A 409 0.18 -8.72 27.81
C ARG A 409 0.85 -9.55 26.69
N ALA A 410 0.34 -9.41 25.48
CA ALA A 410 0.90 -10.19 24.38
C ALA A 410 2.38 -9.89 24.19
N VAL A 411 2.72 -8.60 24.19
CA VAL A 411 4.10 -8.19 24.02
C VAL A 411 4.98 -8.64 25.20
N SER A 412 4.52 -8.40 26.43
CA SER A 412 5.29 -8.81 27.60
CA SER A 412 5.26 -8.83 27.62
C SER A 412 5.55 -10.32 27.59
N THR A 413 4.52 -11.10 27.28
CA THR A 413 4.66 -12.56 27.24
C THR A 413 5.60 -12.99 26.10
N GLY A 414 5.45 -12.39 24.92
CA GLY A 414 6.35 -12.73 23.83
C GLY A 414 7.80 -12.42 24.15
N VAL A 415 8.01 -11.30 24.83
CA VAL A 415 9.35 -10.91 25.24
C VAL A 415 9.93 -11.92 26.24
N GLN A 416 9.12 -12.36 27.19
CA GLN A 416 9.61 -13.35 28.15
C GLN A 416 9.90 -14.69 27.48
N ALA A 417 9.17 -14.98 26.41
CA ALA A 417 9.31 -16.25 25.69
C ALA A 417 10.40 -16.22 24.62
N GLY A 418 10.90 -15.02 24.31
CA GLY A 418 11.93 -14.88 23.29
C GLY A 418 11.43 -14.89 21.86
N ILE A 419 10.15 -14.55 21.66
CA ILE A 419 9.59 -14.52 20.32
C ILE A 419 9.80 -13.13 19.72
N PRO A 420 10.42 -13.07 18.54
CA PRO A 420 10.63 -11.74 17.92
C PRO A 420 9.32 -11.14 17.46
N MET A 421 9.03 -9.91 17.89
CA MET A 421 7.83 -9.20 17.47
C MET A 421 8.22 -7.78 17.08
N PRO A 422 9.02 -7.64 16.04
CA PRO A 422 9.48 -6.28 15.70
C PRO A 422 8.34 -5.33 15.39
N CYS A 423 7.27 -5.82 14.75
CA CYS A 423 6.15 -4.94 14.44
C CYS A 423 5.19 -4.69 15.62
N PHE A 424 4.84 -5.73 16.38
CA PHE A 424 4.00 -5.49 17.57
C PHE A 424 4.71 -4.49 18.49
N THR A 425 6.01 -4.68 18.71
CA THR A 425 6.72 -3.83 19.67
C THR A 425 6.90 -2.41 19.17
N THR A 426 7.20 -2.24 17.88
CA THR A 426 7.36 -0.88 17.38
C THR A 426 6.02 -0.13 17.40
N ALA A 427 4.93 -0.85 17.16
CA ALA A 427 3.62 -0.20 17.18
C ALA A 427 3.29 0.26 18.59
N LEU A 428 3.57 -0.58 19.57
CA LEU A 428 3.27 -0.20 20.96
C LEU A 428 4.18 0.93 21.40
N SER A 429 5.46 0.85 21.06
CA SER A 429 6.40 1.93 21.38
C SER A 429 5.94 3.24 20.75
N PHE A 430 5.45 3.19 19.51
CA PHE A 430 4.98 4.39 18.86
C PHE A 430 3.74 4.94 19.56
N TYR A 431 2.78 4.09 19.88
CA TYR A 431 1.59 4.52 20.59
C TYR A 431 1.98 5.22 21.90
N ASP A 432 2.86 4.59 22.67
CA ASP A 432 3.29 5.18 23.93
C ASP A 432 4.06 6.49 23.75
N GLY A 433 4.77 6.65 22.64
CA GLY A 433 5.44 7.91 22.38
C GLY A 433 4.48 9.00 21.95
N TYR A 434 3.63 8.67 20.99
CA TYR A 434 2.68 9.61 20.42
C TYR A 434 1.74 10.22 21.46
N ARG A 435 1.33 9.40 22.42
CA ARG A 435 0.37 9.85 23.44
C ARG A 435 1.03 10.62 24.59
N HIS A 436 2.36 10.69 24.63
CA HIS A 436 3.03 11.38 25.74
C HIS A 436 3.22 12.85 25.41
N GLU A 437 2.69 13.75 26.24
CA GLU A 437 2.99 15.18 26.07
C GLU A 437 4.49 15.45 26.17
N MET A 438 5.14 14.81 27.13
CA MET A 438 6.57 14.97 27.37
C MET A 438 7.34 13.70 27.02
N LEU A 439 8.37 13.86 26.19
CA LEU A 439 9.28 12.78 25.86
C LEU A 439 10.73 13.17 26.22
N PRO A 440 11.61 12.18 26.37
CA PRO A 440 12.97 12.48 26.83
C PRO A 440 13.87 13.07 25.73
N ALA A 441 13.29 13.40 24.58
CA ALA A 441 14.06 14.00 23.50
C ALA A 441 14.70 15.32 23.88
N SER A 442 14.20 15.95 24.94
CA SER A 442 14.84 17.16 25.46
C SER A 442 16.28 16.86 25.87
N LEU A 443 16.55 15.64 26.31
CA LEU A 443 17.91 15.25 26.64
C LEU A 443 18.84 15.22 25.42
N ILE A 444 18.31 14.83 24.26
CA ILE A 444 19.09 14.90 23.03
C ILE A 444 19.48 16.35 22.74
N GLN A 445 18.51 17.25 22.91
CA GLN A 445 18.76 18.67 22.68
C GLN A 445 19.83 19.21 23.63
N ALA A 446 19.74 18.81 24.90
CA ALA A 446 20.74 19.22 25.89
C ALA A 446 22.10 18.64 25.57
N GLN A 447 22.16 17.39 25.15
CA GLN A 447 23.43 16.75 24.81
C GLN A 447 24.12 17.49 23.67
N ARG A 448 23.36 17.81 22.62
CA ARG A 448 23.95 18.48 21.46
C ARG A 448 24.38 19.90 21.81
N ASP A 449 23.65 20.55 22.71
CA ASP A 449 24.08 21.88 23.13
C ASP A 449 25.35 21.78 23.97
N TYR A 450 25.43 20.74 24.80
CA TYR A 450 26.59 20.52 25.64
C TYR A 450 27.85 20.26 24.78
N PHE A 451 27.77 19.32 23.84
CA PHE A 451 28.98 18.94 23.12
C PHE A 451 29.28 19.76 21.87
N GLY A 452 28.30 20.50 21.36
CA GLY A 452 28.50 21.24 20.13
C GLY A 452 27.91 22.64 20.09
N ALA A 453 27.38 23.10 21.22
CA ALA A 453 26.77 24.42 21.29
C ALA A 453 25.69 24.59 20.22
N HIS A 454 24.95 23.52 19.95
CA HIS A 454 23.95 23.55 18.89
C HIS A 454 22.65 24.26 19.25
N THR A 455 22.49 24.57 20.53
CA THR A 455 21.33 25.25 21.13
C THR A 455 20.11 24.36 21.32
N TYR A 456 19.26 24.79 22.26
CA TYR A 456 17.99 24.15 22.52
C TYR A 456 16.92 25.22 22.65
N GLU A 457 15.66 24.80 22.78
CA GLU A 457 14.58 25.74 23.03
C GLU A 457 14.00 25.45 24.40
N LEU A 458 13.54 26.49 25.07
CA LEU A 458 12.75 26.31 26.29
C LEU A 458 11.31 26.00 25.93
N LEU A 459 10.68 25.11 26.71
CA LEU A 459 9.26 24.84 26.55
C LEU A 459 8.45 26.13 26.52
N ALA A 460 8.83 27.09 27.35
CA ALA A 460 8.08 28.33 27.49
C ALA A 460 8.27 29.31 26.31
N LYS A 461 9.33 29.12 25.54
CA LYS A 461 9.63 30.02 24.43
C LYS A 461 10.09 29.27 23.18
N PRO A 462 9.17 28.55 22.53
CA PRO A 462 9.52 27.82 21.31
C PRO A 462 10.03 28.74 20.20
N GLY A 463 10.99 28.27 19.41
CA GLY A 463 11.47 29.02 18.28
C GLY A 463 12.60 29.99 18.59
N GLN A 464 12.94 30.11 19.88
CA GLN A 464 14.08 30.91 20.31
C GLN A 464 15.19 29.96 20.78
N PHE A 465 16.38 30.13 20.23
CA PHE A 465 17.46 29.17 20.41
C PHE A 465 18.52 29.63 21.39
N ILE A 466 18.70 28.84 22.44
CA ILE A 466 19.53 29.19 23.58
C ILE A 466 20.73 28.27 23.69
N HIS A 467 21.89 28.87 23.98
CA HIS A 467 23.06 28.10 24.37
C HIS A 467 23.37 28.28 25.85
N THR A 468 23.56 27.16 26.54
CA THR A 468 23.95 27.20 27.93
C THR A 468 25.40 26.78 28.08
N ASN A 469 26.12 27.43 28.97
CA ASN A 469 27.48 27.01 29.31
C ASN A 469 27.43 25.92 30.35
N TRP A 470 27.26 24.68 29.91
CA TRP A 470 27.05 23.56 30.82
C TRP A 470 28.26 23.27 31.72
N THR A 471 29.45 23.62 31.23
CA THR A 471 30.67 23.35 31.99
C THR A 471 31.25 24.64 32.58
#